data_3O40
#
_entry.id   3O40
#
_cell.length_a   47.846
_cell.length_b   56.968
_cell.length_c   103.466
_cell.angle_alpha   90.00
_cell.angle_beta   90.00
_cell.angle_gamma   90.00
#
_symmetry.space_group_name_H-M   'P 21 21 21'
#
loop_
_entity.id
_entity.type
_entity.pdbx_description
1 polymer gp41-5
2 polymer 'chimeric alpha/beta peptide based on gp41 CHR domain sequence'
3 non-polymer GLYCEROL
4 non-polymer 'NONAETHYLENE GLYCOL'
5 non-polymer 'CHLORIDE ION'
6 water water
#
loop_
_entity_poly.entity_id
_entity_poly.type
_entity_poly.pdbx_seq_one_letter_code
_entity_poly.pdbx_strand_id
1 'polypeptide(L)'
;SGIVQQQNNLLRAIEAQQHLLQLTVWGIKQLQARILSGGSGGWMEWDREINNYTSLIHSLIEESQNQQEKNEQELLGGSG
GSGIVQQQNNLLRAIEAQQHLLQLTVWGIKQLQARILSGGSGGWMEWDREINNYTSLIHSLIEESQNQQEKNEQELLGGS
GGSGIVQQQNNLLRAIEAQQHLLQLTVWGIKQLQARIL
;
A
2 'polypeptide(L)' (ACE)(B3T)TWE(XCP)WD(XPC)AIA(B3E)YAARIEALIRAAQ(B3E)QQ(B3E)KNE(XCP)AL(XPC)EL(NH2) B
#
loop_
_chem_comp.id
_chem_comp.type
_chem_comp.name
_chem_comp.formula
2PE non-polymer 'NONAETHYLENE GLYCOL' 'C18 H38 O10'
ACE non-polymer 'ACETYL GROUP' 'C2 H4 O'
CL non-polymer 'CHLORIDE ION' 'Cl -1'
GOL non-polymer GLYCEROL 'C3 H8 O3'
NH2 non-polymer 'AMINO GROUP' 'H2 N'
XCP peptide-like '(1S,2S)-2-aminocyclopentanecarboxylic acid' 'C6 H11 N O2'
XPC peptide-like '(3S,4R)-4-aminopyrrolidine-3-carboxylic acid' 'C5 H10 N2 O2'
#
# COMPACT_ATOMS: atom_id res chain seq x y z
N SER A 1 11.62 -7.86 -16.36
N SER A 1 7.35 -7.61 -23.19
CA SER A 1 11.16 -9.18 -16.80
CA SER A 1 8.46 -8.18 -22.43
C SER A 1 9.80 -9.14 -17.49
C SER A 1 8.56 -7.61 -21.04
N GLY A 2 9.46 -8.04 -18.15
N GLY A 2 7.81 -8.20 -20.11
CA GLY A 2 8.16 -7.90 -18.85
CA GLY A 2 8.09 -8.00 -18.70
C GLY A 2 7.06 -7.34 -17.94
C GLY A 2 7.00 -7.35 -17.88
N ILE A 3 6.03 -6.72 -18.53
CA ILE A 3 5.03 -6.00 -17.75
CA ILE A 3 4.98 -6.01 -17.80
C ILE A 3 4.20 -6.97 -16.91
N VAL A 4 3.78 -8.10 -17.48
CA VAL A 4 3.01 -9.05 -16.70
C VAL A 4 3.75 -9.54 -15.48
N GLN A 5 5.04 -9.83 -15.63
CA GLN A 5 5.84 -10.32 -14.52
C GLN A 5 6.01 -9.22 -13.45
N GLN A 6 6.21 -7.98 -13.89
CA GLN A 6 6.38 -6.83 -12.99
C GLN A 6 5.07 -6.61 -12.22
N GLN A 7 3.95 -6.75 -12.94
CA GLN A 7 2.64 -6.74 -12.32
C GLN A 7 2.54 -7.78 -11.25
N ASN A 8 3.11 -8.97 -11.47
CA ASN A 8 3.07 -10.01 -10.45
CA ASN A 8 3.04 -9.99 -10.43
C ASN A 8 3.80 -9.52 -9.18
N ASN A 9 4.94 -8.87 -9.39
CA ASN A 9 5.71 -8.32 -8.26
C ASN A 9 4.97 -7.18 -7.52
N LEU A 10 4.29 -6.30 -8.25
CA LEU A 10 3.48 -5.26 -7.58
C LEU A 10 2.40 -5.86 -6.72
N LEU A 11 1.73 -6.88 -7.25
CA LEU A 11 0.70 -7.58 -6.53
C LEU A 11 1.25 -8.24 -5.27
N ARG A 12 2.37 -8.93 -5.42
CA ARG A 12 3.00 -9.53 -4.26
C ARG A 12 3.43 -8.46 -3.24
N ALA A 13 3.89 -7.31 -3.71
CA ALA A 13 4.21 -6.20 -2.78
C ALA A 13 2.97 -5.76 -2.02
N ILE A 14 1.89 -5.55 -2.76
CA ILE A 14 0.63 -5.14 -2.15
C ILE A 14 0.15 -6.12 -1.11
N GLU A 15 0.23 -7.42 -1.42
CA GLU A 15 -0.23 -8.45 -0.47
C GLU A 15 0.61 -8.46 0.79
N ALA A 16 1.94 -8.33 0.62
CA ALA A 16 2.85 -8.31 1.74
C ALA A 16 2.66 -7.02 2.59
N GLN A 17 2.39 -5.90 1.93
CA GLN A 17 2.04 -4.65 2.63
C GLN A 17 0.73 -4.82 3.40
N GLN A 18 -0.25 -5.52 2.85
CA GLN A 18 -1.46 -5.79 3.62
C GLN A 18 -1.23 -6.66 4.89
N HIS A 19 -0.36 -7.68 4.82
CA HIS A 19 -0.01 -8.47 6.02
C HIS A 19 0.70 -7.59 7.06
N LEU A 20 1.60 -6.74 6.58
CA LEU A 20 2.30 -5.81 7.45
C LEU A 20 1.28 -4.87 8.10
N LEU A 21 0.41 -4.31 7.29
CA LEU A 21 -0.63 -3.47 7.85
C LEU A 21 -1.52 -4.15 8.90
N GLN A 22 -1.90 -5.42 8.67
CA GLN A 22 -2.73 -6.16 9.64
C GLN A 22 -1.97 -6.35 10.96
N LEU A 23 -0.66 -6.52 10.89
CA LEU A 23 0.18 -6.49 12.08
C LEU A 23 0.15 -5.13 12.83
N THR A 24 0.11 -4.02 12.09
CA THR A 24 -0.01 -2.70 12.71
C THR A 24 -1.37 -2.54 13.39
N VAL A 25 -2.42 -3.00 12.70
CA VAL A 25 -3.75 -3.02 13.29
C VAL A 25 -3.79 -3.79 14.63
N TRP A 26 -3.15 -4.95 14.68
CA TRP A 26 -3.04 -5.73 15.91
C TRP A 26 -2.33 -4.92 17.01
N GLY A 27 -1.20 -4.31 16.67
CA GLY A 27 -0.48 -3.45 17.61
C GLY A 27 -1.38 -2.36 18.17
N ILE A 28 -2.16 -1.72 17.29
CA ILE A 28 -2.98 -0.59 17.68
C ILE A 28 -4.08 -1.07 18.64
N LYS A 29 -4.68 -2.23 18.35
CA LYS A 29 -5.76 -2.73 19.21
C LYS A 29 -5.25 -3.09 20.61
N GLN A 30 -4.02 -3.60 20.70
CA GLN A 30 -3.41 -3.86 21.98
C GLN A 30 -3.26 -2.54 22.76
N LEU A 31 -2.76 -1.48 22.11
CA LEU A 31 -2.61 -0.17 22.74
C LEU A 31 -3.97 0.41 23.13
N GLN A 32 -4.91 0.29 22.22
CA GLN A 32 -6.26 0.81 22.45
C GLN A 32 -6.93 0.21 23.71
N ALA A 33 -6.71 -1.07 23.98
CA ALA A 33 -7.31 -1.70 25.17
C ALA A 33 -6.68 -1.19 26.48
N ARG A 34 -5.41 -0.78 26.45
CA ARG A 34 -4.79 -0.17 27.63
C ARG A 34 -5.19 1.28 27.85
N ILE A 35 -5.32 2.04 26.77
CA ILE A 35 -5.46 3.49 26.83
C ILE A 35 -6.90 3.96 26.84
N LEU A 36 -7.79 3.28 26.13
CA LEU A 36 -9.15 3.78 25.95
C LEU A 36 -10.21 2.91 26.63
N SER A 37 -11.36 3.52 26.89
CA SER A 37 -12.51 2.85 27.50
C SER A 37 -13.70 2.82 26.53
N GLY A 38 -13.73 1.82 25.65
CA GLY A 38 -14.86 1.66 24.72
C GLY A 38 -14.71 2.39 23.39
N GLY A 39 -15.80 2.37 22.62
CA GLY A 39 -15.80 2.83 21.23
C GLY A 39 -16.14 4.29 21.04
N SER A 40 -16.16 5.06 22.13
CA SER A 40 -16.34 6.52 22.02
C SER A 40 -15.21 7.20 21.23
N GLY A 41 -15.44 8.45 20.85
CA GLY A 41 -14.46 9.26 20.15
C GLY A 41 -14.08 8.80 18.74
N GLY A 42 -14.93 7.99 18.10
CA GLY A 42 -14.67 7.45 16.77
C GLY A 42 -14.19 6.00 16.71
N TRP A 43 -13.94 5.36 17.86
CA TRP A 43 -13.30 4.04 17.87
C TRP A 43 -14.19 2.87 17.41
N MET A 44 -15.47 2.91 17.75
CA MET A 44 -16.39 1.88 17.27
CA MET A 44 -16.42 1.91 17.27
C MET A 44 -16.42 1.93 15.74
N GLU A 45 -16.43 3.14 15.19
CA GLU A 45 -16.41 3.34 13.75
C GLU A 45 -15.08 2.95 13.11
N TRP A 46 -13.99 3.25 13.82
CA TRP A 46 -12.65 2.82 13.42
C TRP A 46 -12.63 1.30 13.26
N ASP A 47 -13.07 0.58 14.27
CA ASP A 47 -13.07 -0.89 14.19
C ASP A 47 -13.90 -1.40 12.98
N ARG A 48 -15.08 -0.84 12.81
CA ARG A 48 -15.95 -1.19 11.69
C ARG A 48 -15.25 -0.94 10.33
N GLU A 49 -14.64 0.23 10.20
CA GLU A 49 -14.00 0.62 8.96
C GLU A 49 -12.69 -0.14 8.72
N ILE A 50 -11.94 -0.48 9.76
CA ILE A 50 -10.81 -1.41 9.57
C ILE A 50 -11.31 -2.71 8.89
N ASN A 51 -12.40 -3.27 9.44
CA ASN A 51 -12.99 -4.53 8.95
C ASN A 51 -13.53 -4.41 7.53
N ASN A 52 -14.20 -3.31 7.24
CA ASN A 52 -14.76 -3.09 5.91
C ASN A 52 -13.69 -2.93 4.83
N TYR A 53 -12.67 -2.10 5.08
CA TYR A 53 -11.59 -1.96 4.10
C TYR A 53 -10.69 -3.20 3.99
N THR A 54 -10.52 -3.93 5.08
CA THR A 54 -9.79 -5.19 5.03
C THR A 54 -10.50 -6.18 4.10
N SER A 55 -11.83 -6.27 4.24
CA SER A 55 -12.58 -7.20 3.42
C SER A 55 -12.57 -6.77 1.96
N LEU A 56 -12.71 -5.47 1.70
CA LEU A 56 -12.58 -4.92 0.35
C LEU A 56 -11.19 -5.22 -0.26
N ILE A 57 -10.11 -4.95 0.48
CA ILE A 57 -8.79 -5.21 -0.10
C ILE A 57 -8.57 -6.73 -0.34
N HIS A 58 -9.01 -7.59 0.56
CA HIS A 58 -8.93 -9.05 0.32
C HIS A 58 -9.59 -9.39 -1.01
N SER A 59 -10.77 -8.83 -1.24
CA SER A 59 -11.51 -9.07 -2.46
C SER A 59 -10.82 -8.48 -3.72
N LEU A 60 -10.19 -7.31 -3.59
CA LEU A 60 -9.43 -6.73 -4.72
C LEU A 60 -8.19 -7.53 -5.03
N ILE A 61 -7.54 -8.06 -3.98
CA ILE A 61 -6.35 -8.89 -4.18
C ILE A 61 -6.73 -10.21 -4.87
N GLU A 62 -7.84 -10.81 -4.46
CA GLU A 62 -8.36 -12.03 -5.10
C GLU A 62 -8.67 -11.79 -6.59
N GLU A 63 -9.36 -10.68 -6.92
CA GLU A 63 -9.57 -10.29 -8.33
C GLU A 63 -8.27 -10.04 -9.09
N SER A 64 -7.32 -9.34 -8.49
CA SER A 64 -6.04 -9.11 -9.16
C SER A 64 -5.29 -10.44 -9.40
N GLN A 65 -5.39 -11.38 -8.46
CA GLN A 65 -4.76 -12.70 -8.61
C GLN A 65 -5.36 -13.48 -9.78
N ASN A 66 -6.69 -13.41 -9.93
CA ASN A 66 -7.33 -14.07 -11.06
C ASN A 66 -7.02 -13.39 -12.39
N GLN A 67 -7.01 -12.07 -12.42
CA GLN A 67 -6.57 -11.38 -13.61
C GLN A 67 -5.11 -11.70 -13.94
N GLN A 68 -4.25 -11.80 -12.93
CA GLN A 68 -2.84 -12.17 -13.13
C GLN A 68 -2.67 -13.56 -13.81
N GLU A 69 -3.42 -14.54 -13.37
CA GLU A 69 -3.37 -15.87 -13.99
C GLU A 69 -3.86 -15.83 -15.43
N LYS A 70 -4.94 -15.11 -15.64
CA LYS A 70 -5.44 -14.94 -16.98
C LYS A 70 -4.41 -14.28 -17.91
N ASN A 71 -3.76 -13.21 -17.45
CA ASN A 71 -2.76 -12.55 -18.28
C ASN A 71 -1.59 -13.51 -18.55
N GLU A 72 -1.21 -14.30 -17.56
CA GLU A 72 -0.10 -15.22 -17.71
C GLU A 72 -0.47 -16.36 -18.71
N GLN A 73 -1.69 -16.86 -18.65
CA GLN A 73 -2.17 -17.87 -19.60
C GLN A 73 -2.18 -17.42 -21.04
N GLU A 74 -2.38 -16.12 -21.26
CA GLU A 74 -2.50 -15.55 -22.60
C GLU A 74 -1.24 -14.86 -23.13
N LEU A 75 -0.10 -15.04 -22.48
CA LEU A 75 1.13 -14.35 -22.88
C LEU A 75 1.54 -14.62 -24.32
N LEU A 76 1.20 -15.80 -24.84
CA LEU A 76 1.61 -16.19 -26.20
C LEU A 76 0.61 -15.76 -27.29
N GLY A 77 -0.60 -15.37 -26.89
CA GLY A 77 -1.56 -14.82 -27.82
C GLY A 77 -1.17 -13.42 -28.26
N GLY A 78 -0.20 -12.81 -27.57
CA GLY A 78 0.23 -11.45 -27.87
C GLY A 78 -0.79 -10.35 -27.53
N SER A 79 -2.09 -10.66 -27.64
CA SER A 79 -3.15 -9.66 -27.87
C SER A 79 -3.58 -8.78 -26.69
N GLY A 80 -3.45 -9.29 -25.47
CA GLY A 80 -3.96 -8.62 -24.26
C GLY A 80 -3.23 -7.38 -23.73
N GLY A 81 -3.26 -6.28 -24.49
CA GLY A 81 -3.04 -4.94 -23.94
C GLY A 81 -4.15 -4.66 -22.92
N SER A 82 -5.37 -5.10 -23.23
CA SER A 82 -6.50 -4.81 -22.36
C SER A 82 -6.45 -5.58 -21.02
N GLY A 83 -5.80 -6.75 -21.02
CA GLY A 83 -5.59 -7.51 -19.80
C GLY A 83 -4.59 -6.84 -18.87
N ILE A 84 -3.52 -6.33 -19.45
CA ILE A 84 -2.50 -5.53 -18.74
C ILE A 84 -3.11 -4.24 -18.15
N VAL A 85 -3.92 -3.55 -18.96
CA VAL A 85 -4.61 -2.33 -18.53
C VAL A 85 -5.65 -2.60 -17.46
N GLN A 86 -6.34 -3.73 -17.56
CA GLN A 86 -7.29 -4.12 -16.57
C GLN A 86 -6.58 -4.39 -15.23
N GLN A 87 -5.42 -5.04 -15.30
CA GLN A 87 -4.67 -5.38 -14.12
C GLN A 87 -4.10 -4.09 -13.50
N GLN A 88 -3.78 -3.11 -14.32
CA GLN A 88 -3.39 -1.81 -13.79
C GLN A 88 -4.53 -1.15 -12.97
N ASN A 89 -5.77 -1.24 -13.45
CA ASN A 89 -6.94 -0.76 -12.73
C ASN A 89 -7.10 -1.50 -11.41
N ASN A 90 -6.97 -2.82 -11.46
CA ASN A 90 -7.07 -3.63 -10.26
C ASN A 90 -6.02 -3.23 -9.20
N LEU A 91 -4.77 -3.11 -9.62
CA LEU A 91 -3.69 -2.75 -8.69
C LEU A 91 -3.92 -1.35 -8.12
N LEU A 92 -4.33 -0.41 -8.95
CA LEU A 92 -4.65 0.93 -8.46
C LEU A 92 -5.74 0.91 -7.39
N ARG A 93 -6.82 0.17 -7.63
CA ARG A 93 -7.89 0.06 -6.67
CA ARG A 93 -7.89 0.04 -6.67
C ARG A 93 -7.40 -0.53 -5.35
N ALA A 94 -6.54 -1.56 -5.41
CA ALA A 94 -5.96 -2.16 -4.23
C ALA A 94 -5.14 -1.16 -3.45
N ILE A 95 -4.32 -0.39 -4.16
CA ILE A 95 -3.50 0.64 -3.56
C ILE A 95 -4.35 1.69 -2.84
N GLU A 96 -5.45 2.06 -3.47
CA GLU A 96 -6.36 3.06 -2.90
C GLU A 96 -7.00 2.55 -1.62
N ALA A 97 -7.44 1.29 -1.63
CA ALA A 97 -8.01 0.65 -0.44
C ALA A 97 -6.97 0.53 0.65
N GLN A 98 -5.75 0.15 0.30
CA GLN A 98 -4.65 0.12 1.26
CA GLN A 98 -4.66 0.12 1.27
C GLN A 98 -4.46 1.49 1.87
N GLN A 99 -4.59 2.55 1.05
CA GLN A 99 -4.34 3.89 1.54
C GLN A 99 -5.43 4.32 2.57
N HIS A 100 -6.67 3.94 2.34
CA HIS A 100 -7.73 4.16 3.36
C HIS A 100 -7.41 3.48 4.67
N LEU A 101 -6.94 2.24 4.60
CA LEU A 101 -6.53 1.51 5.81
C LEU A 101 -5.38 2.23 6.51
N LEU A 102 -4.40 2.68 5.73
CA LEU A 102 -3.25 3.36 6.29
C LEU A 102 -3.69 4.64 7.00
N GLN A 103 -4.60 5.39 6.39
CA GLN A 103 -5.10 6.61 7.01
C GLN A 103 -5.87 6.34 8.31
N LEU A 104 -6.56 5.20 8.38
CA LEU A 104 -7.21 4.80 9.61
C LEU A 104 -6.19 4.42 10.67
N THR A 105 -5.12 3.73 10.30
CA THR A 105 -4.11 3.40 11.29
C THR A 105 -3.37 4.64 11.77
N VAL A 106 -3.04 5.55 10.84
CA VAL A 106 -2.46 6.85 11.22
C VAL A 106 -3.36 7.59 12.22
N TRP A 107 -4.67 7.63 11.93
CA TRP A 107 -5.59 8.33 12.83
C TRP A 107 -5.58 7.69 14.22
N GLY A 108 -5.52 6.36 14.26
CA GLY A 108 -5.51 5.67 15.52
C GLY A 108 -4.27 5.95 16.33
N ILE A 109 -3.13 5.91 15.67
CA ILE A 109 -1.88 6.17 16.34
C ILE A 109 -1.90 7.60 16.89
N LYS A 110 -2.36 8.56 16.10
CA LYS A 110 -2.47 9.95 16.55
C LYS A 110 -3.38 10.13 17.77
N GLN A 111 -4.54 9.49 17.76
CA GLN A 111 -5.49 9.63 18.85
C GLN A 111 -4.90 9.07 20.15
N LEU A 112 -4.19 7.95 20.03
CA LEU A 112 -3.61 7.31 21.21
C LEU A 112 -2.41 8.09 21.69
N GLN A 113 -1.53 8.50 20.77
CA GLN A 113 -0.39 9.32 21.13
C GLN A 113 -0.82 10.58 21.87
N ALA A 114 -1.89 11.24 21.43
CA ALA A 114 -2.31 12.50 22.06
C ALA A 114 -2.73 12.33 23.52
N ARG A 115 -3.10 11.10 23.90
CA ARG A 115 -3.59 10.91 25.24
CA ARG A 115 -3.58 10.81 25.24
C ARG A 115 -2.42 10.62 26.20
N ILE A 116 -1.30 10.12 25.69
CA ILE A 116 -0.24 9.68 26.59
C ILE A 116 1.13 10.35 26.47
N LEU A 117 1.35 11.11 25.40
CA LEU A 117 2.64 11.72 25.13
C LEU A 117 2.45 13.12 24.58
N SER A 118 3.37 14.02 24.90
CA SER A 118 3.30 15.34 24.33
C SER A 118 3.46 15.27 22.82
N GLY A 119 2.83 16.09 22.04
CA GLY A 119 3.26 15.97 20.59
C GLY A 119 4.68 16.47 20.23
N GLY A 120 5.43 16.98 21.20
CA GLY A 120 6.60 17.85 20.92
C GLY A 120 7.99 17.28 21.09
N SER A 121 8.10 15.98 21.31
CA SER A 121 9.38 15.34 21.65
C SER A 121 9.47 13.96 21.04
N GLY A 122 10.64 13.37 21.16
CA GLY A 122 10.82 11.96 20.87
C GLY A 122 10.69 11.56 19.42
N GLY A 123 10.78 12.55 18.52
CA GLY A 123 10.64 12.35 17.08
C GLY A 123 9.21 12.56 16.59
N TRP A 124 8.30 12.93 17.50
CA TRP A 124 6.89 13.03 17.15
C TRP A 124 6.59 14.21 16.21
N MET A 125 7.34 15.30 16.28
CA MET A 125 7.05 16.44 15.42
CA MET A 125 7.10 16.46 15.41
C MET A 125 7.51 16.11 14.00
N GLU A 126 8.65 15.44 13.88
CA GLU A 126 9.09 14.93 12.58
C GLU A 126 8.12 13.87 12.04
N TRP A 127 7.64 12.99 12.90
CA TRP A 127 6.64 12.00 12.52
C TRP A 127 5.42 12.64 11.90
N ASP A 128 4.86 13.65 12.58
CA ASP A 128 3.71 14.38 12.06
C ASP A 128 3.99 14.93 10.68
N ARG A 129 5.18 15.51 10.47
CA ARG A 129 5.50 16.10 9.16
C ARG A 129 5.60 15.04 8.08
N GLU A 130 6.31 13.96 8.40
CA GLU A 130 6.54 12.89 7.45
C GLU A 130 5.25 12.20 7.06
N ILE A 131 4.35 12.03 8.04
CA ILE A 131 3.02 11.47 7.79
C ILE A 131 2.29 12.36 6.78
N ASN A 132 2.27 13.67 7.05
CA ASN A 132 1.60 14.63 6.19
C ASN A 132 2.20 14.62 4.79
N ASN A 133 3.53 14.62 4.73
CA ASN A 133 4.24 14.65 3.45
C ASN A 133 3.88 13.44 2.60
N TYR A 134 4.09 12.24 3.15
CA TYR A 134 3.82 11.01 2.41
C TYR A 134 2.35 10.84 2.05
N THR A 135 1.45 11.32 2.89
CA THR A 135 0.03 11.25 2.60
C THR A 135 -0.29 12.11 1.37
N SER A 136 0.26 13.33 1.33
CA SER A 136 0.15 14.18 0.16
C SER A 136 0.78 13.57 -1.10
N LEU A 137 1.96 12.99 -0.94
CA LEU A 137 2.65 12.38 -2.04
C LEU A 137 1.83 11.21 -2.60
N ILE A 138 1.35 10.34 -1.71
CA ILE A 138 0.57 9.17 -2.12
C ILE A 138 -0.72 9.59 -2.82
N HIS A 139 -1.43 10.57 -2.25
CA HIS A 139 -2.62 11.12 -2.94
C HIS A 139 -2.36 11.67 -4.35
N SER A 140 -1.24 12.36 -4.51
CA SER A 140 -0.82 12.86 -5.81
C SER A 140 -0.50 11.71 -6.78
N LEU A 141 0.17 10.66 -6.31
CA LEU A 141 0.45 9.52 -7.17
C LEU A 141 -0.83 8.79 -7.52
N ILE A 142 -1.75 8.66 -6.58
CA ILE A 142 -3.05 8.02 -6.86
C ILE A 142 -3.85 8.84 -7.92
N GLU A 143 -3.88 10.15 -7.76
CA GLU A 143 -4.57 11.02 -8.72
C GLU A 143 -3.95 10.89 -10.10
N GLU A 144 -2.63 10.95 -10.17
CA GLU A 144 -1.90 10.77 -11.44
CA GLU A 144 -1.94 10.75 -11.45
C GLU A 144 -2.20 9.39 -12.07
N SER A 145 -2.27 8.35 -11.22
CA SER A 145 -2.59 6.98 -11.73
C SER A 145 -4.01 6.89 -12.30
N GLN A 146 -4.95 7.54 -11.66
CA GLN A 146 -6.33 7.55 -12.12
C GLN A 146 -6.40 8.21 -13.49
N ASN A 147 -5.76 9.37 -13.63
CA ASN A 147 -5.66 10.09 -14.91
C ASN A 147 -4.94 9.27 -15.98
N GLN A 148 -3.80 8.67 -15.64
CA GLN A 148 -3.13 7.80 -16.58
C GLN A 148 -3.99 6.60 -16.98
N GLN A 149 -4.72 6.04 -16.03
CA GLN A 149 -5.60 4.92 -16.33
C GLN A 149 -6.68 5.25 -17.38
N GLU A 150 -7.32 6.40 -17.24
CA GLU A 150 -8.35 6.84 -18.17
C GLU A 150 -7.74 7.01 -19.56
N LYS A 151 -6.56 7.62 -19.60
CA LYS A 151 -5.81 7.84 -20.83
C LYS A 151 -5.43 6.53 -21.48
N ASN A 152 -4.91 5.58 -20.69
CA ASN A 152 -4.53 4.29 -21.25
C ASN A 152 -5.72 3.55 -21.82
N GLU A 153 -6.86 3.65 -21.15
CA GLU A 153 -8.06 2.98 -21.64
C GLU A 153 -8.51 3.55 -22.99
N GLN A 154 -8.29 4.85 -23.20
CA GLN A 154 -8.52 5.51 -24.49
C GLN A 154 -7.52 5.08 -25.58
N GLU A 155 -6.22 5.19 -25.29
CA GLU A 155 -5.17 4.91 -26.30
C GLU A 155 -5.24 3.48 -26.85
N LEU A 156 -5.67 2.54 -26.01
CA LEU A 156 -5.72 1.12 -26.39
C LEU A 156 -6.70 0.86 -27.56
N LEU A 157 -7.77 1.64 -27.60
CA LEU A 157 -8.73 1.60 -28.70
C LEU A 157 -8.09 2.04 -30.02
N GLY A 158 -7.29 3.11 -29.94
CA GLY A 158 -6.63 3.69 -31.11
C GLY A 158 -5.32 3.02 -31.45
N GLY A 159 -4.45 3.78 -32.10
CA GLY A 159 -3.13 3.30 -32.55
C GLY A 159 -2.46 2.37 -31.54
N SER A 160 -2.26 2.86 -30.33
CA SER A 160 -1.60 2.10 -29.27
C SER A 160 -1.25 2.96 -28.07
N GLY A 161 -1.08 2.29 -26.92
CA GLY A 161 -0.69 2.97 -25.67
C GLY A 161 0.42 2.30 -24.86
N GLY A 162 1.40 1.69 -25.53
CA GLY A 162 2.55 1.06 -24.85
C GLY A 162 3.31 1.96 -23.88
N SER A 163 3.53 3.20 -24.29
CA SER A 163 4.21 4.18 -23.43
C SER A 163 3.41 4.51 -22.15
N GLY A 164 2.12 4.72 -22.32
CA GLY A 164 1.21 4.97 -21.22
C GLY A 164 1.18 3.82 -20.22
N ILE A 165 1.31 2.60 -20.71
CA ILE A 165 1.34 1.40 -19.86
C ILE A 165 2.60 1.36 -18.99
N VAL A 166 3.75 1.63 -19.60
CA VAL A 166 5.01 1.68 -18.87
C VAL A 166 5.01 2.81 -17.81
N GLN A 167 4.48 3.97 -18.18
CA GLN A 167 4.30 5.06 -17.27
C GLN A 167 3.38 4.69 -16.08
N GLN A 168 2.28 4.01 -16.35
CA GLN A 168 1.41 3.54 -15.29
C GLN A 168 2.09 2.51 -14.39
N GLN A 169 2.97 1.67 -14.94
CA GLN A 169 3.71 0.74 -14.08
C GLN A 169 4.54 1.55 -13.09
N ASN A 170 5.17 2.61 -13.60
CA ASN A 170 5.96 3.50 -12.75
C ASN A 170 5.14 4.18 -11.66
N ASN A 171 3.97 4.72 -12.04
CA ASN A 171 3.03 5.30 -11.08
C ASN A 171 2.68 4.38 -9.91
N LEU A 172 2.29 3.15 -10.24
CA LEU A 172 1.84 2.17 -9.26
C LEU A 172 3.01 1.78 -8.37
N LEU A 173 4.17 1.62 -8.97
CA LEU A 173 5.36 1.25 -8.21
C LEU A 173 5.73 2.35 -7.21
N ARG A 174 5.70 3.60 -7.65
CA ARG A 174 6.03 4.69 -6.78
C ARG A 174 5.01 4.85 -5.65
N ALA A 175 3.75 4.54 -5.93
CA ALA A 175 2.72 4.63 -4.92
C ALA A 175 2.99 3.58 -3.84
N ILE A 176 3.28 2.35 -4.28
CA ILE A 176 3.65 1.27 -3.37
C ILE A 176 4.88 1.59 -2.51
N GLU A 177 5.91 2.20 -3.10
CA GLU A 177 7.11 2.67 -2.40
CA GLU A 177 7.08 2.58 -2.33
C GLU A 177 6.75 3.69 -1.31
N ALA A 178 5.95 4.67 -1.69
CA ALA A 178 5.56 5.71 -0.76
C ALA A 178 4.72 5.15 0.40
N GLN A 179 3.82 4.21 0.08
CA GLN A 179 3.04 3.51 1.09
C GLN A 179 3.90 2.69 2.05
N GLN A 180 5.01 2.13 1.55
CA GLN A 180 5.97 1.45 2.42
C GLN A 180 6.64 2.38 3.44
N HIS A 181 6.97 3.60 3.02
CA HIS A 181 7.45 4.64 3.95
C HIS A 181 6.38 4.97 5.01
N LEU A 182 5.13 5.08 4.59
CA LEU A 182 4.05 5.40 5.53
C LEU A 182 3.88 4.25 6.53
N LEU A 183 3.92 3.02 6.01
CA LEU A 183 3.81 1.84 6.85
C LEU A 183 4.94 1.83 7.89
N GLN A 184 6.15 2.12 7.46
CA GLN A 184 7.30 2.19 8.38
C GLN A 184 7.14 3.31 9.41
N LEU A 185 6.54 4.43 9.01
CA LEU A 185 6.23 5.45 9.99
C LEU A 185 5.19 4.96 11.00
N THR A 186 4.18 4.21 10.56
CA THR A 186 3.19 3.71 11.50
C THR A 186 3.78 2.67 12.46
N VAL A 187 4.71 1.85 11.98
CA VAL A 187 5.41 0.90 12.84
C VAL A 187 6.22 1.60 13.94
N TRP A 188 6.97 2.63 13.54
CA TRP A 188 7.69 3.47 14.49
C TRP A 188 6.77 4.03 15.59
N GLY A 189 5.67 4.64 15.18
CA GLY A 189 4.73 5.24 16.12
C GLY A 189 4.19 4.23 17.12
N ILE A 190 3.80 3.05 16.63
CA ILE A 190 3.29 2.00 17.48
C ILE A 190 4.36 1.56 18.50
N LYS A 191 5.59 1.42 18.05
CA LYS A 191 6.67 1.05 18.95
C LYS A 191 6.94 2.10 20.04
N GLN A 192 6.87 3.38 19.70
CA GLN A 192 7.00 4.42 20.72
C GLN A 192 5.91 4.29 21.75
N LEU A 193 4.66 4.07 21.31
CA LEU A 193 3.55 4.01 22.24
C LEU A 193 3.66 2.76 23.12
N GLN A 194 4.08 1.66 22.52
CA GLN A 194 4.21 0.41 23.23
C GLN A 194 5.29 0.49 24.33
N ALA A 195 6.42 1.09 23.99
CA ALA A 195 7.50 1.34 24.94
C ALA A 195 7.02 2.24 26.11
N ARG A 196 6.09 3.16 25.83
CA ARG A 196 5.64 4.10 26.84
C ARG A 196 4.65 3.49 27.81
N ILE A 197 3.70 2.75 27.29
CA ILE A 197 2.47 2.43 28.02
C ILE A 197 2.24 0.94 28.25
N LEU A 198 3.05 0.08 27.61
CA LEU A 198 2.96 -1.38 27.81
C LEU A 198 4.29 -1.94 28.34
CG B3T B 2 10.21 -11.52 24.82
OD1 B3T B 2 10.70 -12.87 24.89
CD2 B3T B 2 9.47 -11.17 26.12
CA B3T B 2 9.30 -11.35 23.59
N B3T B 2 8.95 -9.94 23.43
CB B3T B 2 8.03 -12.22 23.66
C B3T B 2 7.23 -12.08 22.38
O B3T B 2 7.75 -12.28 21.30
HG B3T B 2 10.97 -10.92 24.73
HOD1 B3T B 2 10.40 -13.30 24.27
H1D2 B3T B 2 8.57 -10.89 25.92
H2D2 B3T B 2 9.91 -10.42 26.56
H3D2 B3T B 2 9.45 -11.91 26.71
HA B3T B 2 9.88 -11.68 22.71
HB1 B3T B 2 7.43 -11.90 24.51
HB2 B3T B 2 8.31 -13.26 23.81
N THR B 3 5.95 -11.76 22.50
CA THR B 3 5.10 -11.62 21.33
C THR B 3 5.51 -10.39 20.54
N TRP B 4 5.82 -9.29 21.24
CA TRP B 4 6.14 -8.02 20.59
C TRP B 4 7.48 -8.07 19.84
N GLU B 5 8.45 -8.82 20.37
CA GLU B 5 9.75 -8.98 19.69
C GLU B 5 9.68 -10.01 18.54
N XCP B 6 8.87 -11.04 18.73
CB XCP B 6 8.71 -12.08 17.71
CG XCP B 6 9.07 -13.49 18.23
CD XCP B 6 8.51 -14.40 17.13
CE XCP B 6 7.20 -13.71 16.72
CA XCP B 6 7.24 -12.26 17.25
C XCP B 6 6.79 -11.18 16.23
O XCP B 6 7.08 -11.25 15.03
H2 XCP B 6 8.41 -11.14 19.45
HB XCP B 6 9.27 -11.88 16.92
HG XCP B 6 8.63 -13.66 19.09
HGA XCP B 6 10.05 -13.59 18.31
HD XCP B 6 8.33 -15.29 17.49
HDA XCP B 6 9.14 -14.45 16.37
HE XCP B 6 6.44 -14.18 17.10
HEA XCP B 6 7.12 -13.71 15.74
HA XCP B 6 6.66 -12.21 18.04
N TRP B 7 6.09 -10.18 16.76
CA TRP B 7 5.56 -9.05 16.00
C TRP B 7 6.66 -8.29 15.28
N ASP B 8 7.67 -7.84 16.03
CA ASP B 8 8.71 -6.98 15.45
C ASP B 8 9.57 -7.71 14.43
N XPC B 9 10.13 -8.84 14.84
CB XPC B 9 10.97 -9.64 13.96
CG XPC B 9 12.21 -10.20 14.67
ND XPC B 9 12.49 -11.53 13.97
CE XPC B 9 11.15 -12.06 13.45
CA XPC B 9 10.15 -10.89 13.53
C XPC B 9 9.31 -10.74 12.26
O XPC B 9 9.84 -10.50 11.20
H2 XPC B 9 9.99 -9.12 15.65
HB XPC B 9 11.25 -9.13 13.17
HG XPC B 9 12.01 -10.36 15.62
HGA XPC B 9 12.97 -9.59 14.58
HND XPC B 9 13.11 -11.38 13.22
HE XPC B 9 10.85 -12.81 14.00
HEA XPC B 9 11.25 -12.35 12.52
HA XPC B 9 9.54 -11.09 14.27
N ALA B 10 7.99 -10.91 12.40
CA ALA B 10 7.06 -10.80 11.29
C ALA B 10 7.18 -9.48 10.50
N ILE B 11 7.26 -8.35 11.20
CA ILE B 11 7.32 -7.06 10.52
C ILE B 11 8.59 -6.90 9.71
N ALA B 12 9.72 -7.13 10.34
CA ALA B 12 11.02 -6.94 9.70
C ALA B 12 11.32 -7.95 8.58
N B3E B 13 10.94 -9.18 8.82
CA B3E B 13 11.16 -10.27 7.86
CG B3E B 13 11.98 -11.32 8.61
CD B3E B 13 12.94 -12.12 7.73
CE B3E B 13 13.89 -13.02 8.55
OF2 B3E B 13 13.58 -13.26 9.75
OF1 B3E B 13 14.93 -13.48 7.98
CB B3E B 13 9.79 -10.79 7.43
C B3E B 13 9.21 -9.98 6.28
O B3E B 13 9.81 -9.81 5.25
H B3E B 13 10.55 -9.38 9.56
HA B3E B 13 11.72 -9.93 6.97
HG2 B3E B 13 12.56 -10.82 9.40
HG3 B3E B 13 11.30 -12.02 9.10
HD2 B3E B 13 12.37 -12.74 7.03
HD3 B3E B 13 13.55 -11.42 7.13
HB1 B3E B 13 9.11 -10.76 8.29
HB2 B3E B 13 9.89 -11.83 7.13
N TYR B 14 8.01 -9.49 6.47
CA TYR B 14 7.35 -8.69 5.42
C TYR B 14 8.09 -7.50 4.85
N ALA B 15 8.76 -6.72 5.73
CA ALA B 15 9.51 -5.54 5.31
C ALA B 15 10.64 -5.90 4.36
N ALA B 16 11.43 -6.91 4.72
CA ALA B 16 12.48 -7.39 3.84
C ALA B 16 11.94 -7.95 2.52
N ARG B 17 10.84 -8.68 2.58
CA ARG B 17 10.20 -9.18 1.35
C ARG B 17 9.72 -8.03 0.46
N ILE B 18 9.11 -7.02 1.07
CA ILE B 18 8.63 -5.85 0.28
C ILE B 18 9.77 -5.08 -0.37
N GLU B 19 10.82 -4.85 0.39
CA GLU B 19 11.99 -4.14 -0.13
C GLU B 19 12.60 -4.86 -1.35
N ALA B 20 12.68 -6.20 -1.26
CA ALA B 20 13.19 -7.04 -2.37
C ALA B 20 12.29 -6.94 -3.60
N LEU B 21 10.97 -7.02 -3.40
CA LEU B 21 10.01 -6.89 -4.49
C LEU B 21 10.06 -5.52 -5.17
N ILE B 22 10.10 -4.45 -4.38
CA ILE B 22 10.21 -3.08 -4.91
C ILE B 22 11.50 -2.89 -5.69
N ARG B 23 12.61 -3.36 -5.13
CA ARG B 23 13.90 -3.32 -5.81
C ARG B 23 13.87 -4.08 -7.13
N ALA B 24 13.34 -5.30 -7.11
CA ALA B 24 13.22 -6.06 -8.36
C ALA B 24 12.32 -5.34 -9.39
N ALA B 25 11.19 -4.78 -8.93
CA ALA B 25 10.26 -4.06 -9.82
C ALA B 25 10.90 -2.80 -10.41
N GLN B 26 11.73 -2.13 -9.61
CA GLN B 26 12.43 -0.90 -10.06
C GLN B 26 13.53 -1.19 -11.08
N B3E B 27 14.34 -2.21 -10.77
CA B3E B 27 15.46 -2.63 -11.62
CG B3E B 27 16.64 -2.88 -10.68
CD B3E B 27 17.05 -1.68 -9.85
CE B3E B 27 18.12 -2.06 -8.80
OF2 B3E B 27 18.65 -3.19 -8.82
OF1 B3E B 27 18.43 -1.21 -7.93
CB B3E B 27 15.31 -3.94 -12.37
C B3E B 27 14.34 -3.86 -13.51
O B3E B 27 14.69 -3.37 -14.56
H B3E B 27 14.22 -2.64 -10.04
HA B3E B 27 15.73 -1.83 -12.35
HG2 B3E B 27 16.38 -3.70 -10.01
HG3 B3E B 27 17.51 -3.20 -11.26
HD2 B3E B 27 17.45 -0.90 -10.50
HD3 B3E B 27 16.19 -1.28 -9.33
HB1 B3E B 27 14.98 -4.71 -11.67
HB2 B3E B 27 16.28 -4.24 -12.77
N GLN B 28 13.09 -4.34 -13.28
CA GLN B 28 12.05 -4.32 -14.31
C GLN B 28 11.69 -2.99 -14.95
N GLN B 29 11.57 -1.93 -14.14
CA GLN B 29 11.16 -0.64 -14.68
C GLN B 29 12.24 0.05 -15.48
N B3E B 30 13.45 0.10 -14.94
CA B3E B 30 14.56 0.74 -15.64
CG B3E B 30 15.43 1.55 -14.69
CD B3E B 30 14.70 2.62 -13.89
CE B3E B 30 15.50 3.07 -12.66
OF2 B3E B 30 16.58 2.48 -12.33
OF1 B3E B 30 15.05 4.00 -11.97
CB B3E B 30 15.44 -0.33 -16.24
C B3E B 30 14.93 -0.85 -17.56
O B3E B 30 14.88 -0.13 -18.54
H B3E B 30 13.60 -0.26 -14.17
HA B3E B 30 14.20 1.41 -16.44
HG2 B3E B 30 15.91 0.85 -14.00
HG3 B3E B 30 16.24 2.03 -15.26
HD2 B3E B 30 14.52 3.49 -14.53
HD3 B3E B 30 13.72 2.25 -13.56
HB1 B3E B 30 15.54 -1.14 -15.53
HB2 B3E B 30 16.45 0.08 -16.41
N LYS B 31 14.55 -2.13 -17.57
CA LYS B 31 14.03 -2.83 -18.75
C LYS B 31 12.84 -2.22 -19.51
N ASN B 32 11.80 -1.77 -18.79
CA ASN B 32 10.64 -1.20 -19.45
C ASN B 32 11.01 0.10 -20.15
N GLU B 33 11.82 0.92 -19.49
CA GLU B 33 12.17 2.22 -20.04
C GLU B 33 13.22 2.08 -21.15
N XCP B 34 13.98 0.99 -21.13
CB XCP B 34 15.02 0.77 -22.15
CG XCP B 34 16.43 0.80 -21.56
CD XCP B 34 17.29 0.14 -22.66
CE XCP B 34 16.34 -0.76 -23.49
CA XCP B 34 14.94 -0.61 -22.85
C XCP B 34 13.78 -0.63 -23.84
O XCP B 34 13.89 -0.11 -24.95
H2 XCP B 34 13.89 0.39 -20.53
HB XCP B 34 14.96 1.47 -22.84
HG XCP B 34 16.48 0.27 -20.74
HGA XCP B 34 16.72 1.72 -21.40
HD XCP B 34 18.00 -0.39 -22.26
HDA XCP B 34 17.67 0.84 -23.24
HE XCP B 34 16.63 -1.70 -23.41
HEA XCP B 34 16.33 -0.49 -24.42
HA XCP B 34 14.82 -1.31 -22.18
N ALA B 35 12.66 -1.24 -23.43
CA ALA B 35 11.46 -1.33 -24.29
C ALA B 35 11.02 0.02 -24.87
N LEU B 36 11.07 1.08 -24.07
CA LEU B 36 10.75 2.44 -24.55
C LEU B 36 11.97 3.10 -25.18
C1 GOL C . 2.52 -15.48 1.04
O1 GOL C . 3.50 -15.20 0.07
C2 GOL C . 1.64 -14.27 1.34
O2 GOL C . 1.41 -13.42 0.20
C3 GOL C . 0.29 -14.79 1.79
O3 GOL C . -0.62 -13.73 1.81
H11 GOL C . 1.92 -16.31 0.68
H12 GOL C . 3.01 -15.81 1.96
HO1 GOL C . 4.09 -15.97 -0.03
H2 GOL C . 2.09 -13.70 2.15
HO2 GOL C . 0.97 -13.94 -0.51
H31 GOL C . -0.06 -15.55 1.10
H32 GOL C . 0.38 -15.23 2.78
HO3 GOL C . -0.25 -12.94 1.30
O10 2PE D . 10.88 10.19 13.51
C11 2PE D . 10.16 9.27 12.67
C12 2PE D . 10.99 8.02 12.46
O13 2PE D . 10.45 7.21 11.42
C14 2PE D . 11.39 6.28 10.87
C15 2PE D . 10.74 5.51 9.71
O16 2PE D . 11.32 5.90 8.45
C17 2PE D . 10.64 5.34 7.33
C18 2PE D . 10.25 6.40 6.30
O19 2PE D . 11.38 7.22 5.97
C20 2PE D . 11.12 8.63 6.03
C21 2PE D . 10.93 9.16 7.45
O22 2PE D . 12.02 9.99 7.86
C23 2PE D . 12.75 9.52 9.00
C24 2PE D . 14.15 10.11 9.01
H111 2PE D . 9.21 9.01 13.14
H112 2PE D . 9.94 9.75 11.72
H121 2PE D . 12.01 8.31 12.21
H122 2PE D . 11.02 7.44 13.40
H141 2PE D . 12.27 6.81 10.52
H142 2PE D . 11.71 5.57 11.65
H151 2PE D . 10.89 4.44 9.86
H152 2PE D . 9.67 5.71 9.71
H171 2PE D . 11.28 4.60 6.85
H172 2PE D . 9.73 4.83 7.66
H181 2PE D . 9.87 5.92 5.41
H182 2PE D . 9.44 7.01 6.72
H201 2PE D . 11.96 9.17 5.56
H202 2PE D . 10.23 8.85 5.45
H211 2PE D . 10.00 9.73 7.50
H212 2PE D . 10.82 8.32 8.15
H231 2PE D . 12.22 9.81 9.92
H232 2PE D . 12.81 8.44 8.98
H241 2PE D . 14.88 9.30 8.98
H242 2PE D . 14.27 10.76 8.15
C1 GOL E . -10.67 7.73 5.62
O1 GOL E . -10.19 6.40 5.55
C2 GOL E . -11.02 8.12 7.05
O2 GOL E . -12.21 8.87 7.10
C3 GOL E . -9.90 8.94 7.68
O3 GOL E . -10.00 8.92 9.09
H11 GOL E . -9.92 8.41 5.22
H12 GOL E . -11.55 7.81 4.99
HO1 GOL E . -10.04 6.14 4.63
H2 GOL E . -11.15 7.20 7.63
HO2 GOL E . -12.42 9.11 8.03
H31 GOL E . -8.93 8.52 7.38
H32 GOL E . -9.94 9.96 7.32
HO3 GOL E . -10.84 8.48 9.35
C1 GOL F . -12.21 -2.31 18.94
O1 GOL F . -10.84 -2.30 18.56
C2 GOL F . -12.71 -0.88 19.11
O2 GOL F . -12.19 -0.04 18.10
C3 GOL F . -14.23 -0.79 19.09
O3 GOL F . -14.76 -0.65 20.40
H11 GOL F . -12.78 -2.82 18.18
H12 GOL F . -12.33 -2.85 19.87
HO1 GOL F . -10.52 -3.23 18.52
H2 GOL F . -12.38 -0.52 20.09
HO2 GOL F . -12.52 -0.32 17.23
H31 GOL F . -14.51 0.08 18.51
H32 GOL F . -14.66 -1.67 18.60
HO3 GOL F . -14.05 -0.76 21.07
CL CL G . 5.88 -12.93 -2.34
#